data_7XWY
#
_entry.id   7XWY
#
_cell.length_a   51.716
_cell.length_b   36.106
_cell.length_c   101.973
_cell.angle_alpha   90.000
_cell.angle_beta   95.910
_cell.angle_gamma   90.000
#
_symmetry.space_group_name_H-M   'P 1 21 1'
#
loop_
_entity.id
_entity.type
_entity.pdbx_description
1 polymer 'ATP-dependent helicase fft3'
2 non-polymer 'SULFATE ION'
3 water water
#
_entity_poly.entity_id   1
_entity_poly.type   'polypeptide(L)'
_entity_poly.pdbx_seq_one_letter_code
;IDTAALKEEVLKY(MSE)NRCSTQDLAD(MSE)TGCTLAEAEF(MSE)VAKRPFPDLESALVVKQPRPVIPKGRRGRREK
TPLGPRLVGIC(MSE)EI(MSE)RGYFVVDALIRQCEQLGGKIQRGIEAWGLSNTATSDEGETSLVNFDQ(MSE)KSFGT
PANSSFITTPPASFSPDIKLQDYQIIGINWLYLLYELKLAGILADE(MSE)GLGKTCQTIAFFSLL(MSE)DKNINGPHL
VIAPAST(MSE)ENWLREFAKFCPKLKIELYYGSQVEREEIRERINSNKDSYNV(MSE)LTTYRLAATSKADRLFLRNQK
FNVCVYDEGHYLKNRASERYRHL(MSE)SIPADFRVLLTGTPLQNNLKELISLLAFILPHVFDYGLKSLDVIFT(MSE)K
KSPESDFERALLSEQRVSRAK(MSE)(MSE)(MSE)APFVLRRKKSQVL
;
_entity_poly.pdbx_strand_id   A
#
loop_
_chem_comp.id
_chem_comp.type
_chem_comp.name
_chem_comp.formula
SO4 non-polymer 'SULFATE ION' 'O4 S -2'
#
# COMPACT_ATOMS: atom_id res chain seq x y z
N ILE A 1 -3.71 -11.39 -21.47
CA ILE A 1 -5.14 -11.41 -21.17
C ILE A 1 -5.96 -11.91 -22.38
N ASP A 2 -6.26 -13.20 -22.40
CA ASP A 2 -6.79 -13.85 -23.59
C ASP A 2 -8.30 -13.69 -23.69
N THR A 3 -8.76 -13.13 -24.81
CA THR A 3 -10.19 -12.91 -25.02
C THR A 3 -11.00 -14.18 -24.80
N ALA A 4 -10.52 -15.30 -25.38
CA ALA A 4 -11.23 -16.57 -25.26
C ALA A 4 -11.29 -17.03 -23.81
N ALA A 5 -10.18 -16.85 -23.07
CA ALA A 5 -10.17 -17.14 -21.65
C ALA A 5 -11.20 -16.30 -20.90
N LEU A 6 -11.32 -15.01 -21.25
CA LEU A 6 -12.30 -14.12 -20.63
C LEU A 6 -13.73 -14.63 -20.86
N LYS A 7 -14.06 -14.88 -22.11
CA LYS A 7 -15.40 -15.35 -22.43
C LYS A 7 -15.71 -16.65 -21.72
N GLU A 8 -14.74 -17.55 -21.67
CA GLU A 8 -14.93 -18.80 -20.92
C GLU A 8 -15.21 -18.54 -19.45
N GLU A 9 -14.35 -17.76 -18.79
CA GLU A 9 -14.54 -17.47 -17.38
C GLU A 9 -15.91 -16.86 -17.11
N VAL A 10 -16.36 -15.96 -17.99
CA VAL A 10 -17.65 -15.31 -17.78
C VAL A 10 -18.77 -16.32 -17.94
N LEU A 11 -18.73 -17.16 -18.99
CA LEU A 11 -19.76 -18.19 -19.16
C LEU A 11 -19.87 -19.06 -17.91
N LYS A 12 -18.71 -19.52 -17.40
CA LYS A 12 -18.74 -20.40 -16.23
C LYS A 12 -19.29 -19.66 -15.01
N TYR A 13 -18.87 -18.43 -14.81
CA TYR A 13 -19.35 -17.67 -13.68
C TYR A 13 -20.85 -17.49 -13.74
N MSE A 14 -21.36 -17.07 -14.90
CA MSE A 14 -22.76 -16.87 -15.10
C MSE A 14 -23.54 -18.14 -14.83
O MSE A 14 -24.71 -18.08 -14.43
CB MSE A 14 -23.05 -16.41 -16.51
CG MSE A 14 -24.25 -15.54 -16.55
SE MSE A 14 -23.62 -13.75 -16.37
CE MSE A 14 -22.97 -13.77 -18.17
N ASN A 15 -22.90 -19.29 -15.08
CA ASN A 15 -23.61 -20.53 -14.82
C ASN A 15 -23.53 -20.98 -13.38
N ARG A 16 -22.60 -20.42 -12.60
CA ARG A 16 -22.31 -20.85 -11.23
C ARG A 16 -22.90 -19.94 -10.14
N CYS A 17 -22.94 -18.63 -10.38
CA CYS A 17 -23.17 -17.64 -9.35
C CYS A 17 -24.53 -17.75 -8.68
N SER A 18 -24.58 -17.41 -7.40
CA SER A 18 -25.86 -17.12 -6.75
C SER A 18 -26.44 -15.82 -7.25
N THR A 19 -27.75 -15.62 -7.04
CA THR A 19 -28.37 -14.36 -7.42
C THR A 19 -27.71 -13.18 -6.71
N GLN A 20 -27.54 -13.29 -5.38
CA GLN A 20 -26.97 -12.17 -4.64
C GLN A 20 -25.52 -11.93 -5.01
N ASP A 21 -24.76 -13.00 -5.29
CA ASP A 21 -23.39 -12.81 -5.72
C ASP A 21 -23.34 -12.08 -7.06
N LEU A 22 -24.32 -12.34 -7.93
CA LEU A 22 -24.40 -11.65 -9.22
C LEU A 22 -24.71 -10.16 -9.03
N ALA A 23 -25.63 -9.82 -8.11
CA ALA A 23 -25.84 -8.42 -7.79
C ALA A 23 -24.58 -7.79 -7.20
N ASP A 24 -23.93 -8.47 -6.27
CA ASP A 24 -22.67 -7.98 -5.70
C ASP A 24 -21.66 -7.68 -6.81
N MSE A 25 -21.51 -8.59 -7.77
CA MSE A 25 -20.46 -8.38 -8.76
C MSE A 25 -20.76 -7.35 -9.82
O MSE A 25 -19.85 -6.65 -10.24
CB MSE A 25 -20.07 -9.65 -9.46
CG MSE A 25 -18.58 -9.67 -9.49
SE MSE A 25 -17.87 -11.12 -10.31
CE MSE A 25 -18.62 -10.84 -12.10
N THR A 26 -22.01 -7.26 -10.26
CA THR A 26 -22.33 -6.42 -11.41
C THR A 26 -22.99 -5.11 -11.01
N GLY A 27 -23.48 -5.01 -9.80
CA GLY A 27 -24.19 -3.82 -9.40
C GLY A 27 -25.63 -3.78 -9.85
N CYS A 28 -26.16 -4.89 -10.36
CA CYS A 28 -27.55 -4.93 -10.77
C CYS A 28 -28.45 -5.17 -9.57
N THR A 29 -29.75 -4.96 -9.74
CA THR A 29 -30.67 -5.20 -8.64
C THR A 29 -30.86 -6.70 -8.39
N LEU A 30 -31.42 -7.02 -7.22
CA LEU A 30 -31.69 -8.42 -6.90
C LEU A 30 -32.75 -9.02 -7.83
N ALA A 31 -33.73 -8.23 -8.29
CA ALA A 31 -34.71 -8.80 -9.21
C ALA A 31 -34.08 -9.06 -10.56
N GLU A 32 -33.17 -8.19 -10.98
CA GLU A 32 -32.45 -8.43 -12.22
C GLU A 32 -31.62 -9.72 -12.14
N ALA A 33 -30.84 -9.87 -11.06
CA ALA A 33 -30.08 -11.10 -10.88
C ALA A 33 -31.01 -12.32 -10.88
N GLU A 34 -32.19 -12.18 -10.28
CA GLU A 34 -33.10 -13.32 -10.18
C GLU A 34 -33.61 -13.72 -11.56
N PHE A 35 -34.02 -12.72 -12.36
CA PHE A 35 -34.44 -12.98 -13.73
C PHE A 35 -33.33 -13.69 -14.51
N MSE A 36 -32.14 -13.07 -14.53
CA MSE A 36 -30.97 -13.63 -15.18
C MSE A 36 -30.79 -15.08 -14.82
O MSE A 36 -30.77 -15.97 -15.69
CB MSE A 36 -29.71 -12.89 -14.76
CG MSE A 36 -28.60 -12.87 -15.82
SE MSE A 36 -29.13 -12.67 -17.69
CE MSE A 36 -27.96 -13.85 -18.56
N VAL A 37 -30.68 -15.30 -13.51
CA VAL A 37 -30.34 -16.61 -13.01
C VAL A 37 -31.41 -17.62 -13.40
N ALA A 38 -32.67 -17.19 -13.44
CA ALA A 38 -33.72 -18.13 -13.79
C ALA A 38 -33.70 -18.48 -15.26
N LYS A 39 -33.05 -17.68 -16.11
CA LYS A 39 -32.96 -18.10 -17.51
C LYS A 39 -31.87 -19.14 -17.80
N ARG A 40 -31.04 -19.52 -16.83
CA ARG A 40 -29.91 -20.41 -17.13
C ARG A 40 -30.35 -21.87 -17.01
N PRO A 41 -29.48 -22.87 -17.30
CA PRO A 41 -28.09 -22.89 -17.76
C PRO A 41 -27.89 -22.14 -19.07
N PHE A 42 -26.70 -21.57 -19.26
CA PHE A 42 -26.38 -20.91 -20.51
C PHE A 42 -25.39 -21.78 -21.26
N PRO A 43 -25.81 -22.43 -22.37
CA PRO A 43 -24.86 -23.27 -23.10
C PRO A 43 -23.75 -22.47 -23.75
N ASP A 44 -24.01 -21.22 -24.09
CA ASP A 44 -23.00 -20.32 -24.63
C ASP A 44 -23.36 -18.90 -24.23
N LEU A 45 -22.43 -17.97 -24.48
CA LEU A 45 -22.69 -16.58 -24.12
C LEU A 45 -23.85 -16.00 -24.93
N GLU A 46 -24.06 -16.46 -26.16
CA GLU A 46 -25.19 -15.97 -26.93
C GLU A 46 -26.49 -16.24 -26.19
N SER A 47 -26.60 -17.41 -25.57
CA SER A 47 -27.80 -17.69 -24.81
C SER A 47 -28.00 -16.69 -23.66
N ALA A 48 -26.91 -16.20 -23.05
CA ALA A 48 -27.06 -15.15 -22.06
C ALA A 48 -27.42 -13.81 -22.70
N LEU A 49 -26.94 -13.58 -23.92
CA LEU A 49 -27.09 -12.31 -24.58
C LEU A 49 -28.50 -12.07 -25.09
N VAL A 50 -29.33 -13.11 -25.27
CA VAL A 50 -30.71 -12.86 -25.68
C VAL A 50 -31.61 -12.53 -24.51
N VAL A 51 -31.12 -12.59 -23.27
CA VAL A 51 -32.05 -12.39 -22.16
C VAL A 51 -32.46 -10.92 -22.11
N LYS A 52 -33.77 -10.69 -21.94
CA LYS A 52 -34.34 -9.36 -21.79
C LYS A 52 -35.59 -9.50 -20.94
N GLN A 53 -35.89 -8.48 -20.16
CA GLN A 53 -37.08 -8.56 -19.33
C GLN A 53 -38.30 -8.16 -20.16
N PRO A 54 -39.49 -8.65 -19.82
CA PRO A 54 -40.64 -8.44 -20.71
C PRO A 54 -41.07 -6.98 -20.72
N ARG A 55 -41.64 -6.58 -21.85
CA ARG A 55 -42.35 -5.32 -21.96
C ARG A 55 -43.54 -5.32 -20.99
N PRO A 56 -43.94 -4.15 -20.46
CA PRO A 56 -45.12 -4.10 -19.57
C PRO A 56 -46.35 -4.69 -20.24
N VAL A 57 -47.19 -5.34 -19.42
CA VAL A 57 -48.46 -5.89 -19.90
C VAL A 57 -49.51 -4.78 -19.84
N ILE A 58 -50.31 -4.68 -20.90
CA ILE A 58 -51.30 -3.64 -21.07
C ILE A 58 -52.50 -3.95 -20.18
N PRO A 59 -52.83 -3.08 -19.19
CA PRO A 59 -53.94 -3.34 -18.26
C PRO A 59 -55.29 -3.38 -18.96
N LYS A 68 -32.44 1.85 -21.33
CA LYS A 68 -32.45 1.41 -22.71
C LYS A 68 -31.18 0.59 -23.03
N THR A 69 -31.03 -0.53 -22.33
CA THR A 69 -30.08 -1.58 -22.71
C THR A 69 -30.56 -2.88 -22.09
N PRO A 70 -30.77 -3.92 -22.91
CA PRO A 70 -31.41 -5.14 -22.41
C PRO A 70 -30.55 -5.82 -21.36
N LEU A 71 -31.22 -6.55 -20.46
CA LEU A 71 -30.57 -7.09 -19.28
C LEU A 71 -29.37 -7.96 -19.64
N GLY A 72 -29.56 -8.92 -20.55
CA GLY A 72 -28.54 -9.87 -20.89
C GLY A 72 -27.21 -9.23 -21.30
N PRO A 73 -27.25 -8.44 -22.36
CA PRO A 73 -26.03 -7.77 -22.80
C PRO A 73 -25.41 -6.90 -21.72
N ARG A 74 -26.23 -6.23 -20.90
CA ARG A 74 -25.66 -5.35 -19.89
C ARG A 74 -24.87 -6.15 -18.86
N LEU A 75 -25.41 -7.29 -18.41
CA LEU A 75 -24.71 -8.06 -17.38
C LEU A 75 -23.49 -8.75 -17.95
N VAL A 76 -23.61 -9.35 -19.14
CA VAL A 76 -22.45 -10.00 -19.76
C VAL A 76 -21.33 -8.99 -19.95
N GLY A 77 -21.67 -7.76 -20.37
CA GLY A 77 -20.64 -6.76 -20.57
C GLY A 77 -19.98 -6.35 -19.27
N ILE A 78 -20.78 -6.16 -18.21
CA ILE A 78 -20.19 -5.81 -16.92
C ILE A 78 -19.27 -6.93 -16.44
N CYS A 79 -19.73 -8.18 -16.54
CA CYS A 79 -18.90 -9.28 -16.07
C CYS A 79 -17.62 -9.35 -16.86
N MSE A 80 -17.65 -9.01 -18.14
CA MSE A 80 -16.38 -9.11 -18.83
C MSE A 80 -15.39 -7.98 -18.43
O MSE A 80 -14.21 -8.26 -18.27
CB MSE A 80 -16.59 -9.20 -20.30
CG MSE A 80 -16.28 -10.64 -20.70
SE MSE A 80 -16.34 -10.90 -22.51
CE MSE A 80 -14.42 -10.84 -22.90
N GLU A 81 -15.91 -6.77 -18.20
CA GLU A 81 -15.08 -5.71 -17.62
C GLU A 81 -14.49 -6.14 -16.29
N ILE A 82 -15.31 -6.76 -15.45
CA ILE A 82 -14.89 -7.17 -14.11
C ILE A 82 -13.85 -8.29 -14.18
N MSE A 83 -14.11 -9.34 -14.97
CA MSE A 83 -13.13 -10.40 -15.19
C MSE A 83 -11.79 -9.83 -15.66
O MSE A 83 -10.74 -10.27 -15.21
CB MSE A 83 -13.62 -11.43 -16.22
CG MSE A 83 -14.61 -12.46 -15.71
SE MSE A 83 -14.23 -13.07 -13.87
CE MSE A 83 -12.82 -14.35 -14.04
N ARG A 84 -11.85 -8.86 -16.57
CA ARG A 84 -10.61 -8.19 -16.98
C ARG A 84 -9.89 -7.59 -15.78
N GLY A 85 -10.62 -6.86 -14.94
CA GLY A 85 -10.03 -6.30 -13.73
C GLY A 85 -9.43 -7.37 -12.82
N TYR A 86 -10.18 -8.43 -12.57
CA TYR A 86 -9.68 -9.50 -11.69
C TYR A 86 -8.39 -10.08 -12.24
N PHE A 87 -8.30 -10.26 -13.57
CA PHE A 87 -7.06 -10.78 -14.15
C PHE A 87 -5.87 -9.85 -13.87
N VAL A 88 -6.10 -8.53 -13.96
CA VAL A 88 -5.04 -7.59 -13.59
C VAL A 88 -4.71 -7.68 -12.09
N VAL A 89 -5.72 -7.76 -11.22
CA VAL A 89 -5.46 -7.97 -9.80
C VAL A 89 -4.59 -9.22 -9.61
N ASP A 90 -4.90 -10.30 -10.31
CA ASP A 90 -4.13 -11.54 -10.15
C ASP A 90 -2.67 -11.33 -10.54
N ALA A 91 -2.41 -10.55 -11.61
CA ALA A 91 -1.02 -10.30 -11.99
C ALA A 91 -0.29 -9.51 -10.89
N LEU A 92 -0.96 -8.49 -10.32
CA LEU A 92 -0.39 -7.76 -9.20
C LEU A 92 -0.04 -8.69 -8.03
N ILE A 93 -0.96 -9.57 -7.68
CA ILE A 93 -0.73 -10.49 -6.57
C ILE A 93 0.43 -11.45 -6.86
N ARG A 94 0.57 -11.92 -8.12
CA ARG A 94 1.71 -12.78 -8.45
C ARG A 94 3.05 -12.04 -8.36
N GLN A 95 3.14 -10.81 -8.90
CA GLN A 95 4.34 -10.00 -8.70
C GLN A 95 4.65 -9.84 -7.21
N CYS A 96 3.65 -9.43 -6.43
CA CYS A 96 3.79 -9.38 -4.98
C CYS A 96 4.32 -10.71 -4.42
N GLU A 97 3.82 -11.84 -4.94
CA GLU A 97 4.32 -13.14 -4.50
C GLU A 97 5.82 -13.26 -4.76
N GLN A 98 6.24 -12.89 -5.99
CA GLN A 98 7.66 -12.89 -6.35
C GLN A 98 8.50 -12.11 -5.34
N LEU A 99 8.21 -10.81 -5.23
CA LEU A 99 9.09 -9.90 -4.51
C LEU A 99 9.05 -10.17 -3.01
N GLY A 100 7.87 -10.50 -2.47
CA GLY A 100 7.81 -10.87 -1.07
C GLY A 100 8.60 -12.13 -0.78
N GLY A 101 8.65 -13.08 -1.72
CA GLY A 101 9.57 -14.20 -1.57
C GLY A 101 10.99 -13.71 -1.33
N LYS A 102 11.42 -12.71 -2.08
CA LYS A 102 12.77 -12.17 -1.85
C LYS A 102 12.91 -11.56 -0.45
N ILE A 103 11.86 -10.90 0.05
CA ILE A 103 11.93 -10.37 1.42
C ILE A 103 12.11 -11.50 2.44
N GLN A 104 11.29 -12.55 2.31
CA GLN A 104 11.35 -13.68 3.24
C GLN A 104 12.72 -14.32 3.22
N ARG A 105 13.32 -14.46 2.04
CA ARG A 105 14.63 -15.09 2.00
C ARG A 105 15.69 -14.17 2.62
N GLY A 106 15.57 -12.86 2.43
CA GLY A 106 16.52 -11.95 3.08
C GLY A 106 16.43 -12.02 4.60
N ILE A 107 15.21 -12.13 5.13
CA ILE A 107 15.00 -12.26 6.56
C ILE A 107 15.63 -13.55 7.07
N GLU A 108 15.32 -14.67 6.40
CA GLU A 108 15.90 -15.95 6.80
C GLU A 108 17.42 -15.91 6.74
N ALA A 109 17.99 -15.15 5.81
CA ALA A 109 19.44 -15.03 5.77
C ALA A 109 19.99 -14.15 6.90
N TRP A 110 19.15 -13.33 7.55
CA TRP A 110 19.62 -12.70 8.80
C TRP A 110 19.93 -13.76 9.85
N GLY A 111 19.03 -14.74 9.99
CA GLY A 111 19.02 -15.63 11.14
C GLY A 111 18.07 -15.18 12.23
N LEU A 112 16.78 -15.00 11.93
CA LEU A 112 15.78 -14.48 12.87
C LEU A 112 14.37 -14.99 12.53
N SER A 113 13.47 -14.91 13.52
CA SER A 113 12.21 -15.65 13.49
C SER A 113 10.97 -14.75 13.48
N ASN A 114 9.89 -15.30 12.92
CA ASN A 114 8.62 -14.63 12.70
C ASN A 114 7.52 -15.36 13.46
N THR A 115 6.75 -14.59 14.24
CA THR A 115 5.67 -15.17 15.04
C THR A 115 4.34 -15.25 14.28
N ALA A 116 4.19 -14.49 13.19
CA ALA A 116 2.94 -14.43 12.43
C ALA A 116 2.99 -15.33 11.21
N THR A 117 1.80 -15.64 10.69
CA THR A 117 1.65 -16.38 9.44
C THR A 117 1.06 -15.46 8.37
N SER A 118 1.34 -15.79 7.10
CA SER A 118 0.99 -14.89 5.99
C SER A 118 -0.49 -14.50 6.01
N ASP A 119 -1.38 -15.46 6.27
CA ASP A 119 -2.83 -15.21 6.25
C ASP A 119 -3.22 -14.04 7.15
N GLU A 120 -2.45 -13.76 8.20
CA GLU A 120 -2.66 -12.54 8.98
C GLU A 120 -2.16 -11.28 8.27
N GLY A 121 -1.61 -11.39 7.05
CA GLY A 121 -1.16 -10.25 6.26
C GLY A 121 -0.12 -9.34 6.91
N GLU A 122 0.91 -9.91 7.52
CA GLU A 122 1.98 -9.13 8.14
C GLU A 122 3.12 -10.06 8.53
N THR A 123 4.20 -9.44 8.99
CA THR A 123 5.30 -10.13 9.66
C THR A 123 5.38 -9.58 11.08
N SER A 124 5.84 -10.42 12.02
CA SER A 124 6.01 -10.01 13.43
C SER A 124 7.35 -10.56 13.90
N LEU A 125 8.38 -9.72 13.82
CA LEU A 125 9.73 -10.03 14.27
C LEU A 125 9.97 -9.25 15.56
N VAL A 126 10.03 -9.95 16.68
CA VAL A 126 9.91 -9.34 18.01
C VAL A 126 11.26 -9.20 18.70
N ASN A 127 12.12 -10.22 18.63
CA ASN A 127 13.42 -10.13 19.28
C ASN A 127 14.46 -10.84 18.43
N PHE A 128 15.73 -10.66 18.79
CA PHE A 128 16.85 -11.40 18.21
C PHE A 128 17.71 -12.01 19.33
N ASP A 129 17.05 -12.65 20.30
CA ASP A 129 17.75 -13.18 21.47
C ASP A 129 18.81 -14.21 21.08
N GLN A 130 18.49 -15.08 20.13
CA GLN A 130 19.44 -16.13 19.79
C GLN A 130 20.65 -15.59 19.04
N MSE A 131 20.53 -14.43 18.42
CA MSE A 131 21.73 -13.78 17.88
C MSE A 131 22.44 -13.02 19.00
O MSE A 131 23.65 -12.86 18.99
CB MSE A 131 21.38 -12.85 16.72
CG MSE A 131 21.55 -13.58 15.41
SE MSE A 131 21.34 -12.48 13.86
CE MSE A 131 21.59 -10.78 14.67
N LYS A 132 21.67 -12.56 19.99
CA LYS A 132 22.29 -12.01 21.18
C LYS A 132 23.19 -13.05 21.85
N SER A 133 22.63 -14.24 22.12
CA SER A 133 23.39 -15.29 22.78
C SER A 133 24.57 -15.74 21.92
N PHE A 134 24.29 -16.28 20.73
CA PHE A 134 25.33 -16.97 19.96
C PHE A 134 26.02 -16.07 18.94
N GLY A 135 25.56 -14.84 18.76
CA GLY A 135 26.23 -13.92 17.88
C GLY A 135 25.70 -13.95 16.45
N THR A 136 26.01 -12.89 15.74
CA THR A 136 25.57 -12.67 14.36
C THR A 136 26.52 -13.35 13.40
N PRO A 137 26.02 -14.20 12.50
CA PRO A 137 26.90 -14.91 11.58
C PRO A 137 27.68 -13.97 10.68
N ALA A 138 28.84 -14.47 10.21
CA ALA A 138 29.69 -13.69 9.31
C ALA A 138 28.97 -13.34 8.04
N ASN A 139 28.03 -14.17 7.61
CA ASN A 139 27.32 -14.00 6.35
C ASN A 139 26.08 -13.12 6.49
N SER A 140 25.78 -12.62 7.68
CA SER A 140 24.53 -11.92 7.96
C SER A 140 24.72 -10.42 7.88
N SER A 141 23.73 -9.73 7.32
CA SER A 141 23.74 -8.28 7.23
C SER A 141 23.11 -7.59 8.45
N PHE A 142 22.61 -8.35 9.43
CA PHE A 142 21.89 -7.73 10.53
C PHE A 142 22.83 -6.88 11.36
N ILE A 143 22.36 -5.74 11.82
CA ILE A 143 23.15 -4.87 12.67
C ILE A 143 22.45 -4.82 14.02
N THR A 144 23.12 -5.34 15.05
CA THR A 144 22.52 -5.42 16.37
C THR A 144 22.68 -4.14 17.16
N THR A 145 23.65 -3.31 16.82
CA THR A 145 23.90 -2.11 17.58
C THR A 145 23.10 -0.92 17.03
N PRO A 146 22.85 0.11 17.83
CA PRO A 146 22.25 1.33 17.29
C PRO A 146 23.19 1.95 16.27
N PRO A 147 22.66 2.75 15.35
CA PRO A 147 23.54 3.47 14.42
C PRO A 147 24.46 4.46 15.15
N ALA A 148 25.67 4.64 14.63
CA ALA A 148 26.56 5.62 15.23
C ALA A 148 25.99 7.04 15.13
N SER A 149 25.30 7.37 14.02
CA SER A 149 24.68 8.68 13.92
C SER A 149 23.59 8.90 14.95
N PHE A 150 23.07 7.82 15.56
CA PHE A 150 21.91 7.98 16.43
C PHE A 150 22.35 8.54 17.78
N SER A 151 21.45 9.27 18.41
CA SER A 151 21.76 9.88 19.70
C SER A 151 22.22 8.84 20.69
N PRO A 152 23.39 8.96 21.30
CA PRO A 152 23.83 8.01 22.34
C PRO A 152 22.95 8.00 23.56
N ASP A 153 22.15 9.02 23.79
CA ASP A 153 21.38 9.10 25.03
C ASP A 153 20.05 8.38 24.93
N ILE A 154 19.71 7.82 23.77
CA ILE A 154 18.39 7.26 23.50
C ILE A 154 18.57 5.78 23.25
N LYS A 155 17.88 4.96 24.04
CA LYS A 155 17.94 3.51 23.93
C LYS A 155 16.96 3.01 22.86
N LEU A 156 17.46 2.24 21.89
CA LEU A 156 16.58 1.56 20.95
C LEU A 156 16.23 0.18 21.48
N GLN A 157 14.93 -0.10 21.59
CA GLN A 157 14.50 -1.43 21.95
C GLN A 157 14.84 -2.43 20.84
N ASP A 158 14.92 -3.71 21.26
CA ASP A 158 15.27 -4.78 20.34
C ASP A 158 14.34 -4.84 19.14
N TYR A 159 13.02 -4.68 19.38
CA TYR A 159 12.08 -4.74 18.24
C TYR A 159 12.30 -3.58 17.27
N GLN A 160 12.90 -2.48 17.74
CA GLN A 160 13.18 -1.33 16.89
C GLN A 160 14.50 -1.47 16.11
N ILE A 161 15.49 -2.13 16.70
CA ILE A 161 16.66 -2.53 15.92
C ILE A 161 16.23 -3.41 14.78
N ILE A 162 15.29 -4.34 15.05
CA ILE A 162 14.73 -5.15 13.98
C ILE A 162 14.03 -4.27 12.96
N GLY A 163 13.20 -3.33 13.43
CA GLY A 163 12.53 -2.41 12.52
C GLY A 163 13.48 -1.74 11.53
N ILE A 164 14.57 -1.16 12.01
CA ILE A 164 15.44 -0.44 11.08
C ILE A 164 16.20 -1.40 10.18
N ASN A 165 16.51 -2.60 10.68
CA ASN A 165 17.14 -3.58 9.80
C ASN A 165 16.18 -4.06 8.72
N TRP A 166 14.91 -4.21 9.07
CA TRP A 166 13.90 -4.65 8.12
C TRP A 166 13.70 -3.59 7.05
N LEU A 167 13.52 -2.35 7.49
CA LEU A 167 13.41 -1.25 6.54
C LEU A 167 14.61 -1.22 5.59
N TYR A 168 15.83 -1.42 6.13
CA TYR A 168 16.97 -1.35 5.24
C TYR A 168 17.01 -2.54 4.29
N LEU A 169 16.60 -3.72 4.75
CA LEU A 169 16.44 -4.88 3.87
C LEU A 169 15.56 -4.55 2.67
N LEU A 170 14.41 -3.93 2.92
CA LEU A 170 13.48 -3.59 1.85
C LEU A 170 14.02 -2.45 0.97
N TYR A 171 14.77 -1.53 1.56
CA TYR A 171 15.50 -0.53 0.80
C TYR A 171 16.49 -1.16 -0.17
N GLU A 172 17.22 -2.17 0.28
CA GLU A 172 18.21 -2.82 -0.55
C GLU A 172 17.57 -3.58 -1.69
N LEU A 173 16.44 -4.24 -1.42
CA LEU A 173 15.76 -5.00 -2.45
C LEU A 173 15.06 -4.12 -3.45
N LYS A 174 15.16 -2.79 -3.30
CA LYS A 174 14.48 -1.86 -4.19
C LYS A 174 12.95 -2.03 -4.11
N LEU A 175 12.42 -2.21 -2.90
CA LEU A 175 10.98 -2.37 -2.76
C LEU A 175 10.28 -1.19 -2.09
N ALA A 176 9.33 -1.46 -1.22
CA ALA A 176 8.61 -0.47 -0.45
C ALA A 176 8.10 -1.15 0.81
N GLY A 177 7.95 -0.39 1.88
CA GLY A 177 7.60 -0.97 3.17
C GLY A 177 6.37 -0.34 3.83
N ILE A 178 5.69 -1.17 4.59
CA ILE A 178 4.59 -0.72 5.45
C ILE A 178 4.98 -1.07 6.87
N LEU A 179 5.10 -0.08 7.70
CA LEU A 179 5.43 -0.27 9.11
C LEU A 179 4.15 0.01 9.88
N ALA A 180 3.62 -1.05 10.48
CA ALA A 180 2.26 -1.08 10.99
C ALA A 180 2.21 -1.46 12.46
N ASP A 181 3.32 -1.28 13.17
CA ASP A 181 3.33 -1.46 14.63
C ASP A 181 2.17 -0.74 15.31
N GLU A 182 1.64 -1.38 16.34
CA GLU A 182 0.62 -0.77 17.16
C GLU A 182 1.02 0.64 17.60
N MSE A 183 0.03 1.51 17.69
CA MSE A 183 0.19 2.81 18.30
C MSE A 183 0.93 2.77 19.63
O MSE A 183 0.68 1.91 20.49
CB MSE A 183 -1.16 3.42 18.50
CG MSE A 183 -1.01 4.74 19.12
SE MSE A 183 -2.78 5.47 19.68
CE MSE A 183 -2.88 4.30 21.17
N GLY A 184 1.87 3.70 19.81
CA GLY A 184 2.67 3.75 21.01
C GLY A 184 4.01 3.03 20.92
N LEU A 185 4.31 2.31 19.84
CA LEU A 185 5.56 1.55 19.79
C LEU A 185 6.70 2.33 19.13
N GLY A 186 6.50 3.62 18.85
CA GLY A 186 7.58 4.45 18.34
C GLY A 186 7.89 4.21 16.87
N LYS A 187 6.87 4.21 16.01
CA LYS A 187 7.12 4.13 14.56
C LYS A 187 7.91 5.36 14.06
N THR A 188 7.62 6.53 14.62
CA THR A 188 8.37 7.76 14.32
C THR A 188 9.82 7.62 14.76
N CYS A 189 10.04 7.09 15.96
CA CYS A 189 11.40 6.86 16.42
C CYS A 189 12.12 5.86 15.53
N GLN A 190 11.40 4.81 15.07
CA GLN A 190 12.07 3.81 14.22
C GLN A 190 12.41 4.40 12.86
N THR A 191 11.54 5.26 12.33
CA THR A 191 11.82 5.98 11.09
C THR A 191 13.11 6.80 11.22
N ILE A 192 13.18 7.60 12.29
CA ILE A 192 14.35 8.46 12.48
C ILE A 192 15.59 7.59 12.60
N ALA A 193 15.51 6.50 13.35
CA ALA A 193 16.67 5.61 13.47
C ALA A 193 17.03 5.00 12.13
N PHE A 194 16.04 4.75 11.28
CA PHE A 194 16.34 4.28 9.93
C PHE A 194 17.16 5.32 9.17
N PHE A 195 16.72 6.57 9.22
CA PHE A 195 17.50 7.64 8.60
C PHE A 195 18.95 7.65 9.10
N SER A 196 19.14 7.45 10.42
CA SER A 196 20.49 7.48 10.96
C SER A 196 21.30 6.25 10.54
N LEU A 197 20.62 5.10 10.38
CA LEU A 197 21.26 3.93 9.79
C LEU A 197 21.79 4.21 8.39
N LEU A 198 20.92 4.80 7.54
CA LEU A 198 21.34 5.18 6.20
C LEU A 198 22.54 6.10 6.25
N MSE A 199 22.53 7.04 7.20
CA MSE A 199 23.59 8.03 7.30
C MSE A 199 24.93 7.31 7.66
O MSE A 199 25.96 7.60 7.03
CB MSE A 199 23.13 9.14 8.30
CG MSE A 199 24.09 10.32 8.45
SE MSE A 199 23.65 11.58 9.84
CE MSE A 199 22.95 13.02 8.66
N ASP A 200 24.92 6.32 8.57
CA ASP A 200 26.12 5.49 8.78
C ASP A 200 26.66 4.95 7.46
N LYS A 201 25.78 4.62 6.52
CA LYS A 201 26.21 4.00 5.28
C LYS A 201 26.48 5.02 4.20
N ASN A 202 26.59 6.29 4.56
CA ASN A 202 26.90 7.38 3.64
C ASN A 202 25.75 7.64 2.68
N ILE A 203 24.54 7.24 3.04
CA ILE A 203 23.33 7.60 2.31
C ILE A 203 22.67 8.72 3.08
N ASN A 204 22.67 9.94 2.52
CA ASN A 204 22.43 11.14 3.31
C ASN A 204 21.17 11.92 2.92
N GLY A 205 20.31 11.37 2.07
CA GLY A 205 19.17 12.10 1.61
C GLY A 205 19.49 13.00 0.43
N PRO A 206 18.65 14.01 0.15
CA PRO A 206 17.45 14.39 0.91
C PRO A 206 16.35 13.33 0.94
N HIS A 207 15.70 13.22 2.09
CA HIS A 207 14.48 12.44 2.24
C HIS A 207 13.32 13.37 2.60
N LEU A 208 12.12 12.84 2.43
CA LEU A 208 10.89 13.54 2.72
C LEU A 208 10.08 12.76 3.73
N VAL A 209 9.45 13.50 4.64
CA VAL A 209 8.48 12.98 5.58
C VAL A 209 7.23 13.82 5.41
N ILE A 210 6.14 13.19 4.99
CA ILE A 210 4.86 13.85 4.86
C ILE A 210 4.02 13.39 6.04
N ALA A 211 3.44 14.34 6.77
CA ALA A 211 2.78 14.06 8.03
C ALA A 211 1.53 14.88 8.17
N PRO A 212 0.60 14.47 8.99
CA PRO A 212 -0.51 15.36 9.36
C PRO A 212 0.02 16.53 10.16
N ALA A 213 -0.60 17.70 9.96
CA ALA A 213 -0.29 18.86 10.80
C ALA A 213 -0.33 18.51 12.29
N SER A 214 -1.26 17.64 12.68
CA SER A 214 -1.44 17.19 14.06
C SER A 214 -0.14 16.68 14.71
N THR A 215 0.87 16.28 13.93
CA THR A 215 2.06 15.62 14.47
C THR A 215 3.36 16.32 14.13
N MSE A 216 3.31 17.52 13.59
CA MSE A 216 4.56 18.04 13.09
C MSE A 216 5.54 18.69 14.09
O MSE A 216 6.75 18.56 13.89
CB MSE A 216 4.29 19.00 11.95
CG MSE A 216 5.38 18.78 10.93
SE MSE A 216 4.88 19.51 9.28
CE MSE A 216 3.96 21.15 10.06
N GLU A 217 5.07 19.34 15.16
CA GLU A 217 6.00 19.65 16.23
C GLU A 217 6.56 18.39 16.86
N ASN A 218 5.78 17.29 16.89
CA ASN A 218 6.35 16.05 17.43
C ASN A 218 7.46 15.53 16.54
N TRP A 219 7.32 15.62 15.22
CA TRP A 219 8.40 15.16 14.36
C TRP A 219 9.64 16.01 14.57
N LEU A 220 9.46 17.33 14.69
CA LEU A 220 10.59 18.22 14.90
C LEU A 220 11.30 17.91 16.21
N ARG A 221 10.54 17.83 17.30
CA ARG A 221 11.05 17.39 18.60
C ARG A 221 11.82 16.07 18.49
N GLU A 222 11.24 15.07 17.80
CA GLU A 222 11.87 13.76 17.79
C GLU A 222 13.13 13.77 16.93
N PHE A 223 13.14 14.50 15.82
CA PHE A 223 14.37 14.69 15.06
C PHE A 223 15.48 15.26 15.94
N ALA A 224 15.15 16.31 16.70
CA ALA A 224 16.15 16.99 17.53
C ALA A 224 16.64 16.08 18.67
N LYS A 225 15.72 15.31 19.28
CA LYS A 225 16.06 14.45 20.40
C LYS A 225 16.77 13.15 19.98
N PHE A 226 16.37 12.53 18.87
CA PHE A 226 16.83 11.18 18.59
C PHE A 226 18.02 11.14 17.66
N CYS A 227 18.12 12.10 16.75
CA CYS A 227 19.22 12.15 15.80
C CYS A 227 19.46 13.60 15.42
N PRO A 228 20.06 14.38 16.35
CA PRO A 228 20.30 15.79 16.02
C PRO A 228 21.24 15.96 14.84
N LYS A 229 21.95 14.91 14.45
CA LYS A 229 22.85 15.06 13.33
C LYS A 229 22.11 15.25 12.00
N LEU A 230 20.83 14.89 11.91
CA LEU A 230 20.09 15.13 10.67
C LEU A 230 19.76 16.61 10.55
N LYS A 231 20.07 17.20 9.40
CA LYS A 231 19.60 18.55 9.12
C LYS A 231 18.19 18.48 8.50
N ILE A 232 17.25 19.18 9.14
CA ILE A 232 15.82 19.09 8.86
C ILE A 232 15.40 20.41 8.24
N GLU A 233 14.64 20.32 7.15
CA GLU A 233 14.09 21.47 6.45
C GLU A 233 12.57 21.38 6.54
N LEU A 234 11.96 22.34 7.23
CA LEU A 234 10.51 22.36 7.40
C LEU A 234 9.89 23.17 6.26
N TYR A 235 9.07 22.50 5.45
CA TYR A 235 8.36 23.14 4.35
C TYR A 235 6.93 23.39 4.80
N TYR A 236 6.74 24.52 5.49
CA TYR A 236 5.47 24.86 6.14
C TYR A 236 5.28 26.37 6.03
N GLY A 237 4.04 26.85 6.23
CA GLY A 237 3.76 28.27 6.35
C GLY A 237 2.89 28.82 5.23
N SER A 238 2.94 30.15 5.09
CA SER A 238 2.13 30.86 4.09
C SER A 238 2.65 30.56 2.69
N GLN A 239 1.75 30.72 1.69
CA GLN A 239 2.18 30.65 0.30
C GLN A 239 3.46 31.45 0.09
N VAL A 240 3.54 32.61 0.72
CA VAL A 240 4.68 33.49 0.53
C VAL A 240 5.89 32.96 1.29
N GLU A 241 5.69 32.58 2.56
CA GLU A 241 6.75 31.92 3.32
C GLU A 241 7.27 30.69 2.60
N ARG A 242 6.36 29.85 2.09
CA ARG A 242 6.77 28.66 1.33
C ARG A 242 7.60 29.04 0.12
N GLU A 243 7.22 30.13 -0.56
CA GLU A 243 7.95 30.54 -1.75
C GLU A 243 9.36 30.97 -1.40
N GLU A 244 9.52 31.70 -0.29
CA GLU A 244 10.89 32.05 0.07
C GLU A 244 11.68 30.84 0.54
N ILE A 245 11.00 29.85 1.13
CA ILE A 245 11.71 28.61 1.46
C ILE A 245 12.25 27.96 0.19
N ARG A 246 11.41 27.90 -0.85
CA ARG A 246 11.86 27.35 -2.13
C ARG A 246 13.01 28.15 -2.70
N GLU A 247 12.91 29.48 -2.62
CA GLU A 247 13.98 30.35 -3.08
C GLU A 247 15.27 30.00 -2.36
N ARG A 248 15.20 29.90 -1.03
CA ARG A 248 16.38 29.65 -0.22
C ARG A 248 16.99 28.27 -0.49
N ILE A 249 16.16 27.27 -0.82
CA ILE A 249 16.67 25.90 -0.97
C ILE A 249 17.21 25.66 -2.37
N ASN A 250 16.54 26.21 -3.39
CA ASN A 250 16.98 25.97 -4.77
C ASN A 250 18.41 26.46 -5.01
N SER A 251 18.76 27.61 -4.46
CA SER A 251 20.15 27.99 -4.31
C SER A 251 20.80 27.10 -3.23
N ASN A 252 21.68 26.19 -3.67
CA ASN A 252 22.26 25.16 -2.80
C ASN A 252 23.16 25.79 -1.75
N LYS A 253 22.55 26.53 -0.82
CA LYS A 253 23.36 27.20 0.20
C LYS A 253 23.68 26.28 1.36
N ASP A 254 22.66 25.64 1.94
CA ASP A 254 22.86 24.62 2.97
C ASP A 254 22.02 23.40 2.58
N SER A 255 22.68 22.36 2.08
CA SER A 255 22.03 21.09 1.80
C SER A 255 21.48 20.48 3.09
N TYR A 256 20.40 19.70 2.97
CA TYR A 256 19.71 19.15 4.12
C TYR A 256 19.53 17.64 3.97
N ASN A 257 19.14 16.98 5.08
CA ASN A 257 18.95 15.54 5.07
C ASN A 257 17.48 15.11 4.98
N VAL A 258 16.56 15.82 5.63
CA VAL A 258 15.16 15.41 5.67
C VAL A 258 14.30 16.65 5.57
N MSE A 259 13.31 16.60 4.68
CA MSE A 259 12.34 17.68 4.58
C MSE A 259 11.05 17.17 5.19
O MSE A 259 10.67 16.00 5.02
CB MSE A 259 12.17 18.15 3.13
CG MSE A 259 11.18 19.33 2.99
SE MSE A 259 10.97 19.85 1.13
CE MSE A 259 12.44 21.05 1.15
N LEU A 260 10.43 18.02 5.99
CA LEU A 260 9.20 17.71 6.70
C LEU A 260 8.10 18.62 6.16
N THR A 261 6.96 18.05 5.79
CA THR A 261 5.83 18.83 5.29
C THR A 261 4.54 18.12 5.64
N THR A 262 3.40 18.68 5.23
CA THR A 262 2.11 18.08 5.51
C THR A 262 1.49 17.59 4.22
N TYR A 263 0.41 16.83 4.36
CA TYR A 263 -0.27 16.29 3.18
C TYR A 263 -0.91 17.41 2.34
N ARG A 264 -1.57 18.36 3.01
CA ARG A 264 -2.07 19.57 2.34
C ARG A 264 -1.00 20.20 1.46
N LEU A 265 0.11 20.59 2.07
CA LEU A 265 1.16 21.25 1.32
C LEU A 265 1.71 20.34 0.23
N ALA A 266 1.94 19.06 0.55
CA ALA A 266 2.60 18.18 -0.40
C ALA A 266 1.75 17.89 -1.63
N ALA A 267 0.44 18.10 -1.55
CA ALA A 267 -0.42 17.58 -2.62
C ALA A 267 -1.28 18.62 -3.32
N THR A 268 -1.64 19.72 -2.66
CA THR A 268 -2.76 20.52 -3.14
C THR A 268 -2.41 21.37 -4.37
N SER A 269 -1.36 22.20 -4.30
CA SER A 269 -1.15 23.24 -5.30
C SER A 269 0.11 23.00 -6.14
N LYS A 270 -0.04 23.24 -7.44
CA LYS A 270 0.98 23.03 -8.47
C LYS A 270 2.40 23.34 -8.01
N ALA A 271 2.59 24.49 -7.36
CA ALA A 271 3.94 24.96 -7.09
C ALA A 271 4.66 24.08 -6.08
N ASP A 272 4.02 23.84 -4.92
CA ASP A 272 4.57 22.88 -3.96
C ASP A 272 4.84 21.53 -4.61
N ARG A 273 3.87 21.02 -5.39
CA ARG A 273 4.01 19.69 -5.99
C ARG A 273 5.29 19.57 -6.79
N LEU A 274 5.55 20.50 -7.69
CA LEU A 274 6.74 20.28 -8.48
C LEU A 274 8.02 20.79 -7.81
N PHE A 275 7.92 21.61 -6.76
CA PHE A 275 9.09 21.81 -5.89
C PHE A 275 9.56 20.46 -5.30
N LEU A 276 8.61 19.72 -4.72
CA LEU A 276 8.96 18.40 -4.19
C LEU A 276 9.39 17.45 -5.30
N ARG A 277 8.80 17.60 -6.49
CA ARG A 277 9.23 16.82 -7.64
C ARG A 277 10.70 17.02 -7.91
N ASN A 278 11.14 18.26 -7.90
CA ASN A 278 12.51 18.55 -8.28
C ASN A 278 13.51 18.28 -7.18
N GLN A 279 13.04 18.00 -5.96
CA GLN A 279 14.01 17.69 -4.90
C GLN A 279 14.67 16.32 -5.04
N LYS A 280 14.07 15.40 -5.81
CA LYS A 280 14.64 14.08 -6.09
C LYS A 280 14.91 13.28 -4.81
N PHE A 281 13.85 13.07 -4.04
CA PHE A 281 13.99 12.42 -2.74
C PHE A 281 14.45 10.97 -2.89
N ASN A 282 15.21 10.52 -1.89
CA ASN A 282 15.56 9.11 -1.78
C ASN A 282 14.43 8.38 -1.06
N VAL A 283 14.41 8.41 0.29
CA VAL A 283 13.31 7.85 1.06
C VAL A 283 12.16 8.85 1.17
N CYS A 284 10.93 8.37 0.99
CA CYS A 284 9.73 9.17 1.25
C CYS A 284 8.83 8.42 2.23
N VAL A 285 8.60 9.03 3.39
CA VAL A 285 7.83 8.42 4.47
C VAL A 285 6.49 9.12 4.53
N TYR A 286 5.41 8.32 4.50
CA TYR A 286 4.03 8.78 4.59
C TYR A 286 3.53 8.38 5.98
N ASP A 287 3.57 9.32 6.90
CA ASP A 287 3.13 9.09 8.26
C ASP A 287 1.59 9.12 8.30
N GLU A 288 1.00 8.07 8.88
CA GLU A 288 -0.45 7.94 8.97
C GLU A 288 -1.07 8.15 7.58
N GLY A 289 -0.44 7.56 6.57
CA GLY A 289 -0.87 7.85 5.22
C GLY A 289 -2.05 7.02 4.77
N HIS A 290 -3.21 7.18 5.42
CA HIS A 290 -4.38 6.42 5.01
C HIS A 290 -4.86 6.82 3.63
N TYR A 291 -4.44 7.98 3.12
CA TYR A 291 -4.70 8.29 1.71
C TYR A 291 -4.16 7.23 0.77
N LEU A 292 -3.02 6.60 1.10
CA LEU A 292 -2.51 5.55 0.25
C LEU A 292 -3.40 4.32 0.22
N LYS A 293 -4.42 4.24 1.06
CA LYS A 293 -5.38 3.15 1.07
C LYS A 293 -6.49 3.33 0.06
N ASN A 294 -6.54 4.46 -0.63
CA ASN A 294 -7.64 4.75 -1.56
C ASN A 294 -7.04 5.29 -2.86
N ARG A 295 -6.72 4.37 -3.78
CA ARG A 295 -6.18 4.78 -5.07
C ARG A 295 -7.14 5.67 -5.85
N ALA A 296 -8.44 5.60 -5.57
CA ALA A 296 -9.41 6.42 -6.31
C ALA A 296 -9.56 7.79 -5.65
N SER A 297 -8.46 8.54 -5.62
CA SER A 297 -8.48 9.90 -5.08
C SER A 297 -7.39 10.73 -5.74
N GLU A 298 -7.71 11.99 -6.00
CA GLU A 298 -6.75 12.94 -6.53
C GLU A 298 -5.52 13.00 -5.63
N ARG A 299 -5.77 12.99 -4.32
CA ARG A 299 -4.69 13.09 -3.35
C ARG A 299 -3.72 11.94 -3.51
N TYR A 300 -4.24 10.74 -3.80
CA TYR A 300 -3.39 9.58 -3.96
C TYR A 300 -2.41 9.76 -5.13
N ARG A 301 -2.95 10.09 -6.31
CA ARG A 301 -2.10 10.28 -7.48
C ARG A 301 -1.06 11.36 -7.23
N HIS A 302 -1.42 12.41 -6.49
CA HIS A 302 -0.42 13.44 -6.22
C HIS A 302 0.66 12.94 -5.24
N LEU A 303 0.26 12.21 -4.19
CA LEU A 303 1.24 11.66 -3.25
C LEU A 303 2.19 10.72 -3.95
N MSE A 304 1.67 9.92 -4.87
CA MSE A 304 2.44 8.86 -5.47
C MSE A 304 3.21 9.42 -6.66
O MSE A 304 4.11 8.78 -7.20
CB MSE A 304 1.50 7.70 -5.92
CG MSE A 304 1.07 6.76 -4.75
SE MSE A 304 2.49 5.76 -4.01
CE MSE A 304 2.83 6.87 -2.45
N SER A 305 2.86 10.63 -7.06
CA SER A 305 3.54 11.21 -8.19
C SER A 305 4.88 11.86 -7.79
N ILE A 306 5.09 12.10 -6.49
CA ILE A 306 6.35 12.61 -5.96
C ILE A 306 7.46 11.58 -6.16
N PRO A 307 8.52 11.92 -6.88
CA PRO A 307 9.57 10.92 -7.12
C PRO A 307 10.33 10.56 -5.85
N ALA A 308 10.56 9.26 -5.69
CA ALA A 308 11.23 8.71 -4.51
C ALA A 308 11.79 7.33 -4.88
N ASP A 309 12.98 7.01 -4.36
CA ASP A 309 13.54 5.67 -4.54
C ASP A 309 12.91 4.62 -3.61
N PHE A 310 12.52 5.00 -2.39
CA PHE A 310 12.03 4.03 -1.42
C PHE A 310 10.90 4.65 -0.64
N ARG A 311 9.70 4.06 -0.74
CA ARG A 311 8.50 4.56 -0.10
C ARG A 311 8.18 3.72 1.14
N VAL A 312 7.84 4.43 2.23
CA VAL A 312 7.48 3.80 3.50
C VAL A 312 6.16 4.40 3.95
N LEU A 313 5.21 3.55 4.30
CA LEU A 313 3.97 4.00 4.90
C LEU A 313 3.97 3.60 6.38
N LEU A 314 3.63 4.54 7.27
CA LEU A 314 3.50 4.26 8.69
C LEU A 314 2.02 4.23 9.05
N THR A 315 1.58 3.18 9.76
CA THR A 315 0.16 3.09 10.11
C THR A 315 0.01 2.31 11.40
N GLY A 316 -1.11 2.53 12.10
CA GLY A 316 -1.41 1.78 13.30
C GLY A 316 -2.35 0.62 13.07
N THR A 317 -2.80 0.43 11.84
CA THR A 317 -3.85 -0.51 11.44
C THR A 317 -3.26 -1.66 10.63
N PRO A 318 -3.63 -2.91 10.91
CA PRO A 318 -3.28 -4.00 9.97
C PRO A 318 -4.03 -3.86 8.65
N LEU A 319 -3.56 -4.62 7.65
CA LEU A 319 -4.29 -4.71 6.40
C LEU A 319 -5.73 -5.13 6.66
N GLN A 320 -6.68 -4.41 6.05
CA GLN A 320 -8.12 -4.67 6.10
C GLN A 320 -8.55 -5.61 5.00
N ASN A 321 -9.66 -6.32 5.25
CA ASN A 321 -10.26 -7.23 4.28
C ASN A 321 -11.09 -6.43 3.28
N ASN A 322 -10.41 -5.62 2.49
CA ASN A 322 -11.10 -4.75 1.54
C ASN A 322 -10.32 -4.70 0.24
N LEU A 323 -10.90 -5.25 -0.83
CA LEU A 323 -10.14 -5.41 -2.06
C LEU A 323 -9.66 -4.07 -2.60
N LYS A 324 -10.50 -3.04 -2.53
CA LYS A 324 -10.08 -1.75 -3.07
C LYS A 324 -8.87 -1.20 -2.29
N GLU A 325 -8.91 -1.28 -0.96
CA GLU A 325 -7.75 -0.87 -0.17
C GLU A 325 -6.50 -1.68 -0.52
N LEU A 326 -6.64 -3.00 -0.64
CA LEU A 326 -5.49 -3.84 -0.95
C LEU A 326 -4.93 -3.55 -2.33
N ILE A 327 -5.78 -3.23 -3.30
CA ILE A 327 -5.25 -2.87 -4.60
C ILE A 327 -4.49 -1.55 -4.52
N SER A 328 -5.03 -0.60 -3.76
CA SER A 328 -4.34 0.67 -3.57
C SER A 328 -2.96 0.46 -2.94
N LEU A 329 -2.85 -0.44 -1.96
CA LEU A 329 -1.54 -0.72 -1.35
C LEU A 329 -0.63 -1.53 -2.28
N LEU A 330 -1.19 -2.45 -3.07
CA LEU A 330 -0.40 -3.13 -4.09
C LEU A 330 0.25 -2.15 -5.05
N ALA A 331 -0.51 -1.16 -5.51
CA ALA A 331 0.09 -0.14 -6.37
C ALA A 331 1.06 0.74 -5.61
N PHE A 332 0.92 0.83 -4.29
CA PHE A 332 1.91 1.54 -3.48
C PHE A 332 3.23 0.77 -3.41
N ILE A 333 3.19 -0.53 -3.12
CA ILE A 333 4.41 -1.26 -2.80
C ILE A 333 5.08 -1.92 -3.99
N LEU A 334 4.38 -2.03 -5.15
CA LEU A 334 5.01 -2.82 -6.21
C LEU A 334 5.77 -1.89 -7.17
N PRO A 335 7.01 -2.21 -7.50
CA PRO A 335 7.80 -1.31 -8.35
C PRO A 335 7.11 -1.06 -9.69
N HIS A 336 7.08 0.21 -10.08
CA HIS A 336 6.72 0.62 -11.44
C HIS A 336 5.28 0.33 -11.80
N VAL A 337 4.43 0.02 -10.82
CA VAL A 337 3.03 -0.26 -11.13
C VAL A 337 2.25 1.03 -11.27
N PHE A 338 2.49 1.98 -10.37
CA PHE A 338 1.76 3.24 -10.39
C PHE A 338 1.93 3.98 -11.71
N ASP A 339 3.11 3.86 -12.36
CA ASP A 339 3.33 4.46 -13.67
C ASP A 339 2.58 3.73 -14.79
N TYR A 340 2.23 2.46 -14.60
CA TYR A 340 1.28 1.83 -15.49
C TYR A 340 -0.07 2.52 -15.37
N GLY A 341 -0.95 2.28 -16.35
CA GLY A 341 -2.27 2.88 -16.29
C GLY A 341 -3.18 2.27 -15.21
N LEU A 342 -3.27 0.93 -15.20
CA LEU A 342 -4.22 0.20 -14.36
C LEU A 342 -5.67 0.55 -14.70
N LYS A 343 -5.88 0.96 -15.95
CA LYS A 343 -7.21 1.37 -16.42
C LYS A 343 -8.23 0.26 -16.29
N SER A 344 -7.82 -0.99 -16.49
CA SER A 344 -8.72 -2.12 -16.31
C SER A 344 -9.29 -2.22 -14.91
N LEU A 345 -8.63 -1.62 -13.91
CA LEU A 345 -9.17 -1.61 -12.55
C LEU A 345 -10.17 -0.50 -12.31
N ASP A 346 -10.29 0.46 -13.24
CA ASP A 346 -11.19 1.59 -13.07
C ASP A 346 -12.57 1.14 -12.64
N VAL A 347 -13.11 0.15 -13.36
CA VAL A 347 -14.47 -0.31 -13.13
C VAL A 347 -14.69 -0.78 -11.70
N ILE A 348 -13.65 -1.34 -11.06
CA ILE A 348 -13.80 -1.79 -9.68
C ILE A 348 -13.98 -0.60 -8.74
N PHE A 349 -13.25 0.48 -8.97
CA PHE A 349 -13.32 1.63 -8.09
C PHE A 349 -14.55 2.51 -8.33
N THR A 350 -15.36 2.22 -9.34
CA THR A 350 -16.58 2.98 -9.63
C THR A 350 -17.84 2.29 -9.10
N MSE A 351 -17.73 1.02 -8.72
CA MSE A 351 -18.76 0.24 -8.11
C MSE A 351 -19.04 0.66 -6.66
O MSE A 351 -18.42 0.16 -5.72
CB MSE A 351 -18.33 -1.22 -8.17
CG MSE A 351 -18.08 -1.62 -9.59
SE MSE A 351 -19.50 -2.73 -10.16
CE MSE A 351 -19.13 -2.90 -12.06
N LYS A 352 -19.98 1.58 -6.47
CA LYS A 352 -20.30 2.06 -5.13
C LYS A 352 -21.19 1.04 -4.41
N LYS A 353 -20.86 0.76 -3.15
CA LYS A 353 -21.67 -0.17 -2.40
C LYS A 353 -22.98 0.48 -1.98
N SER A 354 -23.93 -0.36 -1.61
CA SER A 354 -25.25 0.08 -1.24
C SER A 354 -25.93 -1.05 -0.49
N PRO A 355 -27.10 -0.81 0.10
CA PRO A 355 -27.81 -1.91 0.76
C PRO A 355 -28.08 -3.11 -0.14
N GLU A 356 -28.29 -2.91 -1.44
CA GLU A 356 -28.64 -4.01 -2.32
C GLU A 356 -27.43 -4.83 -2.76
N SER A 357 -26.26 -4.21 -2.90
CA SER A 357 -25.09 -4.95 -3.40
C SER A 357 -23.79 -4.23 -3.03
N ASP A 358 -22.74 -5.03 -2.90
CA ASP A 358 -21.41 -4.55 -2.57
C ASP A 358 -20.41 -5.43 -3.33
N PHE A 359 -19.65 -4.82 -4.25
CA PHE A 359 -18.65 -5.58 -5.01
C PHE A 359 -17.66 -6.27 -4.09
N GLU A 360 -17.39 -5.71 -2.91
CA GLU A 360 -16.49 -6.38 -1.97
C GLU A 360 -17.03 -7.73 -1.50
N ARG A 361 -18.35 -7.94 -1.53
CA ARG A 361 -18.89 -9.20 -1.04
C ARG A 361 -19.01 -10.27 -2.12
N ALA A 362 -18.67 -9.95 -3.37
CA ALA A 362 -18.67 -10.96 -4.42
C ALA A 362 -17.62 -11.99 -4.09
N LEU A 363 -17.93 -13.26 -4.40
CA LEU A 363 -17.07 -14.34 -3.98
C LEU A 363 -15.67 -14.23 -4.60
N LEU A 364 -15.60 -13.83 -5.89
CA LEU A 364 -14.30 -13.64 -6.55
C LEU A 364 -13.50 -12.49 -5.91
N SER A 365 -14.18 -11.44 -5.45
CA SER A 365 -13.50 -10.40 -4.68
C SER A 365 -12.88 -10.96 -3.42
N GLU A 366 -13.70 -11.64 -2.61
CA GLU A 366 -13.19 -12.24 -1.38
C GLU A 366 -11.99 -13.14 -1.64
N GLN A 367 -12.05 -13.92 -2.72
CA GLN A 367 -10.92 -14.80 -3.00
C GLN A 367 -9.66 -14.00 -3.29
N ARG A 368 -9.81 -12.86 -3.99
CA ARG A 368 -8.61 -12.06 -4.17
C ARG A 368 -8.16 -11.39 -2.87
N VAL A 369 -9.08 -11.04 -1.98
CA VAL A 369 -8.67 -10.43 -0.71
C VAL A 369 -7.81 -11.41 0.08
N SER A 370 -8.28 -12.66 0.18
CA SER A 370 -7.53 -13.65 0.93
C SER A 370 -6.15 -13.80 0.31
N ARG A 371 -6.11 -13.97 -1.01
CA ARG A 371 -4.83 -14.25 -1.65
C ARG A 371 -3.88 -13.08 -1.50
N ALA A 372 -4.37 -11.85 -1.67
CA ALA A 372 -3.47 -10.71 -1.63
C ALA A 372 -2.95 -10.47 -0.22
N LYS A 373 -3.82 -10.58 0.80
CA LYS A 373 -3.38 -10.40 2.19
C LYS A 373 -2.24 -11.33 2.49
N MSE A 374 -2.33 -12.54 1.98
CA MSE A 374 -1.32 -13.55 2.20
C MSE A 374 0.01 -13.12 1.56
O MSE A 374 1.07 -13.31 2.15
CB MSE A 374 -1.83 -14.88 1.66
CG MSE A 374 -1.07 -16.12 2.06
SE MSE A 374 -1.53 -17.61 0.82
CE MSE A 374 -3.45 -17.67 1.18
N MSE A 375 -0.04 -12.54 0.37
CA MSE A 375 1.19 -12.27 -0.36
C MSE A 375 1.81 -10.91 -0.02
O MSE A 375 3.00 -10.69 -0.27
CB MSE A 375 0.94 -12.37 -1.88
CG MSE A 375 0.35 -13.72 -2.29
SE MSE A 375 1.67 -15.07 -2.05
CE MSE A 375 1.30 -15.77 -0.33
N MSE A 376 1.01 -10.03 0.56
CA MSE A 376 1.48 -8.73 1.01
C MSE A 376 2.15 -8.80 2.39
O MSE A 376 2.88 -7.90 2.78
CB MSE A 376 0.29 -7.78 1.06
CG MSE A 376 -0.10 -7.36 -0.31
SE MSE A 376 -1.86 -6.46 -0.35
CE MSE A 376 -2.98 -7.50 0.72
N ALA A 377 1.91 -9.91 3.09
CA ALA A 377 2.40 -10.06 4.45
C ALA A 377 3.89 -9.76 4.63
N PRO A 378 4.82 -10.20 3.75
CA PRO A 378 6.24 -9.82 3.94
C PRO A 378 6.52 -8.32 3.73
N PHE A 379 5.59 -7.56 3.16
CA PHE A 379 5.79 -6.12 3.04
C PHE A 379 5.25 -5.36 4.24
N VAL A 380 4.74 -6.03 5.26
CA VAL A 380 4.08 -5.37 6.38
C VAL A 380 4.75 -5.84 7.65
N LEU A 381 5.40 -4.92 8.37
CA LEU A 381 5.95 -5.20 9.69
C LEU A 381 5.00 -4.66 10.78
N ARG A 382 4.46 -5.56 11.59
CA ARG A 382 3.49 -5.20 12.62
C ARG A 382 3.85 -5.95 13.90
N ARG A 383 4.17 -5.19 14.96
CA ARG A 383 4.32 -5.73 16.30
C ARG A 383 3.24 -5.08 17.17
N LYS A 384 2.79 -5.82 18.19
CA LYS A 384 1.76 -5.34 19.11
C LYS A 384 2.32 -5.13 20.52
N LYS A 385 1.70 -4.19 21.26
CA LYS A 385 2.07 -3.92 22.66
C LYS A 385 2.23 -5.22 23.45
N SER A 386 1.26 -6.13 23.32
CA SER A 386 1.31 -7.40 24.04
C SER A 386 2.48 -8.30 23.64
N GLN A 387 3.20 -7.99 22.56
CA GLN A 387 4.36 -8.82 22.22
C GLN A 387 5.67 -8.25 22.76
N VAL A 388 5.78 -6.93 22.88
CA VAL A 388 7.05 -6.27 23.16
C VAL A 388 7.12 -5.72 24.58
N LEU A 389 6.13 -6.01 25.42
CA LEU A 389 6.16 -5.62 26.83
C LEU A 389 6.96 -6.61 27.67
S SO4 B . 3.84 5.48 17.44
O1 SO4 B . 4.00 4.16 16.77
O2 SO4 B . 2.40 5.73 17.63
O3 SO4 B . 4.50 5.52 18.78
O4 SO4 B . 4.46 6.49 16.58
#